data_7ESA
#
_entry.id   7ESA
#
_cell.length_a   66.089
_cell.length_b   67.294
_cell.length_c   86.794
_cell.angle_alpha   90.000
_cell.angle_beta   90.000
_cell.angle_gamma   90.000
#
_symmetry.space_group_name_H-M   'P 21 21 21'
#
loop_
_entity.id
_entity.type
_entity.pdbx_description
1 polymer 'FAD:protein FMN transferase'
2 non-polymer 'FLAVIN-ADENINE DINUCLEOTIDE'
3 non-polymer 'MAGNESIUM ION'
4 water water
#
_entity_poly.entity_id   1
_entity_poly.type   'polypeptide(L)'
_entity_poly.pdbx_seq_one_letter_code
;MNSSKETKSEPSDSKKLMDQPYSKTDFLMGTVVTLKIYDKGKEDVLDKGFDRIKDLAAKITTSDSEKTSEVDKINEQAGK
KPVKVSEDVYYLIQEGLKYSENSGGSFDITIGPLTSLWHIGFSDARKPSQAEIDAVLPLINYKDVKMNDKDQTVYLEKEG
MELDLGAIAKGFITDETLKVFKENKVTTSIIDLGGNIYVQGNNPNGNKWNVGIQDPFSPRGSVIGKLPESNMSIVTSGIY
ERYLEVDGKTYHHILDPKTGYPFDNDIAGVSIVSKKSIDGDGLSTATFSKGIKGGMDYIEQFEGVDAIFISKEKKVYETS
GLKGQFELTDKDFQMDTLKK
;
_entity_poly.pdbx_strand_id   A
#
# COMPACT_ATOMS: atom_id res chain seq x y z
N LEU A 17 -7.00 29.81 6.17
CA LEU A 17 -7.16 28.79 5.15
C LEU A 17 -7.53 29.41 3.80
N MET A 18 -6.91 28.89 2.74
CA MET A 18 -7.21 29.32 1.39
C MET A 18 -8.20 28.35 0.74
N ASP A 19 -9.04 28.89 -0.15
CA ASP A 19 -9.94 28.04 -0.92
C ASP A 19 -9.18 27.28 -2.00
N GLN A 20 -8.28 27.97 -2.70
CA GLN A 20 -7.43 27.35 -3.70
C GLN A 20 -6.10 26.99 -3.05
N PRO A 21 -5.71 25.72 -3.01
CA PRO A 21 -4.52 25.33 -2.25
C PRO A 21 -3.24 25.49 -3.05
N TYR A 22 -2.14 25.58 -2.31
CA TYR A 22 -0.83 25.31 -2.91
C TYR A 22 -0.77 23.84 -3.29
N SER A 23 -0.40 23.56 -4.54
CA SER A 23 -0.41 22.18 -5.02
C SER A 23 0.82 21.93 -5.88
N LYS A 24 1.35 20.71 -5.79
CA LYS A 24 2.49 20.30 -6.58
C LYS A 24 2.32 18.84 -6.99
N THR A 25 2.70 18.53 -8.23
CA THR A 25 2.52 17.19 -8.79
C THR A 25 3.85 16.69 -9.34
N ASP A 26 4.14 15.42 -9.06
CA ASP A 26 5.31 14.75 -9.58
C ASP A 26 4.93 13.31 -9.92
N PHE A 27 5.84 12.63 -10.60
CA PHE A 27 5.67 11.23 -10.97
C PHE A 27 6.73 10.42 -10.25
N LEU A 28 6.40 9.94 -9.06
CA LEU A 28 7.35 9.20 -8.24
C LEU A 28 6.82 7.81 -7.96
N MET A 29 7.77 6.87 -7.83
CA MET A 29 7.46 5.48 -7.51
C MET A 29 6.53 4.85 -8.55
N GLY A 30 6.63 5.31 -9.80
CA GLY A 30 5.82 4.75 -10.86
C GLY A 30 4.39 5.23 -10.93
N THR A 31 4.07 6.36 -10.28
CA THR A 31 2.70 6.85 -10.29
C THR A 31 2.70 8.35 -10.03
N VAL A 32 1.57 8.99 -10.33
CA VAL A 32 1.40 10.42 -10.12
C VAL A 32 1.17 10.67 -8.64
N VAL A 33 1.93 11.60 -8.06
CA VAL A 33 1.83 11.97 -6.66
C VAL A 33 1.53 13.46 -6.59
N THR A 34 0.53 13.83 -5.78
CA THR A 34 0.10 15.21 -5.65
C THR A 34 -0.06 15.56 -4.18
N LEU A 35 0.49 16.70 -3.78
CA LEU A 35 0.31 17.24 -2.44
C LEU A 35 -0.42 18.59 -2.54
N LYS A 36 -1.37 18.80 -1.64
CA LYS A 36 -2.12 20.04 -1.58
C LYS A 36 -2.11 20.56 -0.15
N ILE A 37 -1.84 21.86 0.01
CA ILE A 37 -1.80 22.49 1.32
C ILE A 37 -2.66 23.75 1.26
N TYR A 38 -3.60 23.88 2.20
CA TYR A 38 -4.56 24.97 2.22
C TYR A 38 -4.21 26.05 3.23
N ASP A 39 -3.18 25.85 4.06
CA ASP A 39 -2.80 26.84 5.05
C ASP A 39 -2.01 27.97 4.38
N LYS A 40 -2.46 29.20 4.61
CA LYS A 40 -1.80 30.35 3.99
C LYS A 40 -0.36 30.48 4.48
N GLY A 41 0.54 30.74 3.54
CA GLY A 41 1.94 30.94 3.87
C GLY A 41 2.74 29.68 4.11
N LYS A 42 2.27 28.54 3.62
CA LYS A 42 2.97 27.27 3.83
C LYS A 42 3.34 26.61 2.51
N GLU A 43 3.56 27.41 1.47
CA GLU A 43 3.81 26.86 0.14
C GLU A 43 5.13 26.10 0.08
N ASP A 44 6.13 26.53 0.83
CA ASP A 44 7.42 25.85 0.80
C ASP A 44 7.39 24.49 1.48
N VAL A 45 6.33 24.18 2.24
CA VAL A 45 6.20 22.87 2.84
C VAL A 45 5.94 21.81 1.78
N LEU A 46 5.41 22.21 0.62
CA LEU A 46 5.24 21.26 -0.49
C LEU A 46 6.57 20.65 -0.88
N ASP A 47 7.61 21.47 -1.01
CA ASP A 47 8.94 20.95 -1.34
C ASP A 47 9.49 20.08 -0.21
N LYS A 48 9.23 20.47 1.04
CA LYS A 48 9.67 19.65 2.17
C LYS A 48 9.02 18.27 2.14
N GLY A 49 7.73 18.22 1.78
CA GLY A 49 7.06 16.93 1.70
C GLY A 49 7.60 16.07 0.58
N PHE A 50 7.79 16.67 -0.61
CA PHE A 50 8.32 15.91 -1.73
C PHE A 50 9.77 15.49 -1.49
N ASP A 51 10.54 16.32 -0.78
CA ASP A 51 11.89 15.91 -0.39
C ASP A 51 11.84 14.67 0.49
N ARG A 52 10.93 14.65 1.46
CA ARG A 52 10.81 13.49 2.35
C ARG A 52 10.35 12.26 1.59
N ILE A 53 9.45 12.44 0.61
CA ILE A 53 8.99 11.31 -0.19
C ILE A 53 10.14 10.74 -1.02
N LYS A 54 10.92 11.61 -1.66
CA LYS A 54 12.03 11.14 -2.48
C LYS A 54 13.11 10.49 -1.61
N ASP A 55 13.34 11.02 -0.41
CA ASP A 55 14.31 10.41 0.50
C ASP A 55 13.92 8.98 0.84
N LEU A 56 12.66 8.77 1.22
CA LEU A 56 12.22 7.43 1.62
C LEU A 56 12.16 6.50 0.42
N ALA A 57 11.74 7.02 -0.75
CA ALA A 57 11.65 6.18 -1.94
C ALA A 57 13.03 5.62 -2.33
N ALA A 58 14.07 6.45 -2.22
CA ALA A 58 15.41 5.99 -2.58
C ALA A 58 15.92 4.93 -1.62
N LYS A 59 15.44 4.93 -0.37
CA LYS A 59 15.89 3.94 0.60
C LYS A 59 15.19 2.59 0.40
N ILE A 60 13.97 2.60 -0.14
CA ILE A 60 13.10 1.44 -0.08
C ILE A 60 13.04 0.73 -1.43
N THR A 61 13.19 1.48 -2.52
CA THR A 61 12.90 0.95 -3.85
C THR A 61 13.87 -0.18 -4.21
N THR A 62 13.35 -1.15 -4.96
CA THR A 62 14.16 -2.16 -5.63
C THR A 62 14.01 -2.07 -7.14
N SER A 63 13.57 -0.92 -7.65
CA SER A 63 13.26 -0.73 -9.06
C SER A 63 14.19 0.25 -9.75
N ASP A 64 15.21 0.77 -9.06
CA ASP A 64 16.18 1.67 -9.64
C ASP A 64 17.40 0.86 -10.04
N SER A 65 17.61 0.71 -11.35
CA SER A 65 18.71 -0.11 -11.84
C SER A 65 20.07 0.55 -11.66
N GLU A 66 20.11 1.88 -11.46
CA GLU A 66 21.36 2.61 -11.37
C GLU A 66 21.77 2.90 -9.93
N LYS A 67 21.05 2.41 -8.94
CA LYS A 67 21.39 2.67 -7.55
C LYS A 67 21.05 1.45 -6.70
N THR A 68 21.77 1.32 -5.59
CA THR A 68 21.57 0.24 -4.63
C THR A 68 20.94 0.84 -3.37
N SER A 69 19.64 0.59 -3.18
CA SER A 69 18.96 1.10 -2.01
C SER A 69 19.34 0.29 -0.77
N GLU A 70 18.82 0.72 0.38
CA GLU A 70 19.04 -0.03 1.61
C GLU A 70 18.45 -1.43 1.52
N VAL A 71 17.25 -1.54 0.93
CA VAL A 71 16.63 -2.85 0.76
C VAL A 71 17.44 -3.69 -0.23
N ASP A 72 17.95 -3.06 -1.29
CA ASP A 72 18.81 -3.77 -2.23
C ASP A 72 20.05 -4.32 -1.52
N LYS A 73 20.63 -3.54 -0.60
CA LYS A 73 21.83 -3.99 0.09
C LYS A 73 21.53 -5.16 1.03
N ILE A 74 20.37 -5.13 1.69
CA ILE A 74 19.95 -6.26 2.51
C ILE A 74 19.82 -7.52 1.65
N ASN A 75 19.19 -7.39 0.48
CA ASN A 75 18.98 -8.53 -0.39
C ASN A 75 20.30 -9.07 -0.94
N GLU A 76 21.24 -8.17 -1.27
CA GLU A 76 22.51 -8.61 -1.81
C GLU A 76 23.30 -9.42 -0.80
N GLN A 77 23.13 -9.15 0.49
CA GLN A 77 23.88 -9.83 1.54
C GLN A 77 23.08 -10.93 2.22
N ALA A 78 22.02 -11.42 1.57
CA ALA A 78 21.20 -12.48 2.15
C ALA A 78 22.04 -13.73 2.36
N GLY A 79 21.99 -14.26 3.59
CA GLY A 79 22.81 -15.41 3.93
C GLY A 79 24.29 -15.13 4.03
N LYS A 80 24.70 -13.85 4.00
CA LYS A 80 26.11 -13.50 4.05
C LYS A 80 26.42 -12.69 5.31
N LYS A 81 25.99 -11.44 5.40
CA LYS A 81 26.24 -10.63 6.58
C LYS A 81 25.04 -9.73 6.85
N PRO A 82 24.79 -9.38 8.11
CA PRO A 82 23.76 -8.37 8.40
C PRO A 82 24.15 -7.03 7.81
N VAL A 83 23.14 -6.22 7.51
CA VAL A 83 23.33 -4.94 6.84
C VAL A 83 22.84 -3.82 7.75
N LYS A 84 23.69 -2.81 7.95
CA LYS A 84 23.29 -1.63 8.69
C LYS A 84 22.24 -0.85 7.91
N VAL A 85 21.18 -0.42 8.59
CA VAL A 85 20.09 0.31 7.97
C VAL A 85 19.82 1.58 8.78
N SER A 86 19.20 2.55 8.12
CA SER A 86 18.80 3.78 8.77
C SER A 86 17.54 3.54 9.61
N GLU A 87 17.19 4.54 10.42
CA GLU A 87 16.04 4.41 11.31
C GLU A 87 14.75 4.21 10.53
N ASP A 88 14.62 4.89 9.38
CA ASP A 88 13.42 4.75 8.56
C ASP A 88 13.23 3.31 8.09
N VAL A 89 14.29 2.70 7.58
CA VAL A 89 14.18 1.36 7.01
C VAL A 89 14.02 0.32 8.11
N TYR A 90 14.73 0.49 9.23
CA TYR A 90 14.59 -0.43 10.34
C TYR A 90 13.15 -0.45 10.87
N TYR A 91 12.53 0.73 10.96
CA TYR A 91 11.17 0.80 11.46
C TYR A 91 10.18 0.17 10.49
N LEU A 92 10.34 0.45 9.19
CA LEU A 92 9.40 -0.08 8.20
C LEU A 92 9.45 -1.61 8.16
N ILE A 93 10.66 -2.17 8.20
CA ILE A 93 10.79 -3.63 8.24
C ILE A 93 10.23 -4.17 9.54
N GLN A 94 10.46 -3.46 10.64
CA GLN A 94 9.87 -3.84 11.93
C GLN A 94 8.36 -4.02 11.81
N GLU A 95 7.68 -3.02 11.25
CA GLU A 95 6.23 -3.09 11.12
C GLU A 95 5.81 -4.12 10.08
N GLY A 96 6.58 -4.24 9.00
CA GLY A 96 6.26 -5.24 7.99
C GLY A 96 6.27 -6.65 8.55
N LEU A 97 7.21 -6.94 9.45
CA LEU A 97 7.25 -8.25 10.09
C LEU A 97 6.05 -8.45 11.00
N LYS A 98 5.53 -7.38 11.60
CA LYS A 98 4.35 -7.49 12.46
C LYS A 98 3.10 -7.82 11.63
N TYR A 99 2.92 -7.13 10.50
CA TYR A 99 1.79 -7.43 9.62
C TYR A 99 1.93 -8.82 9.01
N SER A 100 3.16 -9.26 8.75
CA SER A 100 3.37 -10.59 8.18
C SER A 100 2.98 -11.67 9.18
N GLU A 101 3.42 -11.54 10.43
CA GLU A 101 3.06 -12.54 11.44
C GLU A 101 1.57 -12.54 11.71
N ASN A 102 0.97 -11.35 11.82
CA ASN A 102 -0.47 -11.26 12.09
C ASN A 102 -1.31 -11.87 10.98
N SER A 103 -0.78 -11.93 9.76
CA SER A 103 -1.49 -12.49 8.63
C SER A 103 -1.39 -14.01 8.56
N GLY A 104 -0.56 -14.63 9.39
CA GLY A 104 -0.29 -16.05 9.21
C GLY A 104 0.59 -16.35 8.02
N GLY A 105 1.30 -15.37 7.49
CA GLY A 105 2.18 -15.58 6.36
C GLY A 105 1.57 -15.32 5.01
N SER A 106 0.26 -15.07 4.92
CA SER A 106 -0.34 -14.69 3.64
C SER A 106 0.26 -13.37 3.15
N PHE A 107 0.44 -12.42 4.05
CA PHE A 107 1.28 -11.26 3.80
C PHE A 107 2.69 -11.58 4.29
N ASP A 108 3.69 -11.37 3.44
CA ASP A 108 5.07 -11.69 3.79
C ASP A 108 6.00 -10.76 3.03
N ILE A 109 6.75 -9.93 3.76
CA ILE A 109 7.66 -8.99 3.12
C ILE A 109 8.88 -9.66 2.52
N THR A 110 9.03 -10.98 2.72
CA THR A 110 10.10 -11.75 2.09
C THR A 110 9.64 -12.43 0.82
N ILE A 111 8.53 -11.96 0.22
CA ILE A 111 7.99 -12.52 -1.01
C ILE A 111 8.80 -11.99 -2.19
N GLY A 112 9.83 -11.19 -1.88
CA GLY A 112 10.70 -10.58 -2.86
C GLY A 112 11.09 -11.44 -4.04
N PRO A 113 11.64 -12.63 -3.80
CA PRO A 113 12.05 -13.47 -4.94
C PRO A 113 10.90 -13.83 -5.86
N LEU A 114 9.68 -13.93 -5.33
CA LEU A 114 8.52 -14.26 -6.16
C LEU A 114 8.01 -13.05 -6.93
N THR A 115 7.89 -11.90 -6.26
CA THR A 115 7.39 -10.71 -6.93
C THR A 115 8.39 -10.17 -7.94
N SER A 116 9.69 -10.35 -7.69
CA SER A 116 10.70 -9.98 -8.68
C SER A 116 10.66 -10.91 -9.90
N LEU A 117 10.27 -12.16 -9.68
CA LEU A 117 10.20 -13.12 -10.78
C LEU A 117 9.08 -12.75 -11.76
N TRP A 118 7.87 -12.56 -11.25
CA TRP A 118 6.77 -12.13 -12.10
C TRP A 118 7.00 -10.71 -12.62
N HIS A 119 7.40 -9.80 -11.72
CA HIS A 119 7.59 -8.39 -12.03
C HIS A 119 6.32 -7.78 -12.63
N ILE A 120 5.17 -8.14 -12.05
CA ILE A 120 3.89 -7.67 -12.56
C ILE A 120 3.80 -6.15 -12.46
N GLY A 121 3.30 -5.52 -13.52
CA GLY A 121 3.18 -4.08 -13.59
C GLY A 121 4.31 -3.38 -14.33
N PHE A 122 5.39 -4.09 -14.62
CA PHE A 122 6.53 -3.52 -15.31
C PHE A 122 6.54 -3.98 -16.77
N SER A 123 7.39 -3.33 -17.57
CA SER A 123 7.44 -3.61 -19.00
C SER A 123 7.89 -5.05 -19.28
N ASP A 124 8.69 -5.64 -18.39
CA ASP A 124 9.21 -6.98 -18.59
C ASP A 124 8.46 -8.04 -17.79
N ALA A 125 7.20 -7.75 -17.42
CA ALA A 125 6.41 -8.71 -16.66
C ALA A 125 6.28 -10.03 -17.41
N ARG A 126 6.41 -11.14 -16.68
CA ARG A 126 6.48 -12.44 -17.30
C ARG A 126 5.84 -13.48 -16.39
N LYS A 127 5.11 -14.42 -16.99
CA LYS A 127 4.62 -15.58 -16.26
C LYS A 127 5.72 -16.62 -16.21
N PRO A 128 6.30 -16.89 -15.04
CA PRO A 128 7.45 -17.79 -14.97
C PRO A 128 7.03 -19.24 -15.07
N SER A 129 8.03 -20.09 -15.29
CA SER A 129 7.81 -21.52 -15.29
C SER A 129 7.44 -21.99 -13.89
N GLN A 130 6.79 -23.16 -13.82
CA GLN A 130 6.53 -23.77 -12.52
C GLN A 130 7.83 -24.12 -11.81
N ALA A 131 8.86 -24.53 -12.56
CA ALA A 131 10.16 -24.79 -11.96
C ALA A 131 10.76 -23.54 -11.36
N GLU A 132 10.60 -22.40 -12.04
CA GLU A 132 11.08 -21.13 -11.49
C GLU A 132 10.33 -20.77 -10.21
N ILE A 133 9.02 -21.02 -10.19
CA ILE A 133 8.23 -20.73 -9.00
C ILE A 133 8.65 -21.64 -7.84
N ASP A 134 8.80 -22.94 -8.12
CA ASP A 134 9.21 -23.88 -7.08
C ASP A 134 10.60 -23.58 -6.54
N ALA A 135 11.43 -22.86 -7.28
CA ALA A 135 12.76 -22.52 -6.81
C ALA A 135 12.76 -21.37 -5.82
N VAL A 136 11.74 -20.51 -5.84
CA VAL A 136 11.70 -19.36 -4.96
C VAL A 136 10.73 -19.54 -3.79
N LEU A 137 9.75 -20.44 -3.91
CA LEU A 137 8.81 -20.66 -2.81
C LEU A 137 9.47 -21.01 -1.50
N PRO A 138 10.49 -21.89 -1.43
CA PRO A 138 11.12 -22.17 -0.13
C PRO A 138 11.88 -21.00 0.46
N LEU A 139 12.09 -19.91 -0.29
CA LEU A 139 12.80 -18.75 0.22
C LEU A 139 11.90 -17.76 0.94
N ILE A 140 10.58 -17.93 0.87
CA ILE A 140 9.65 -16.98 1.45
C ILE A 140 9.35 -17.41 2.87
N ASN A 141 9.84 -16.63 3.84
CA ASN A 141 9.63 -16.92 5.26
C ASN A 141 9.98 -15.69 6.10
N TYR A 142 8.97 -14.97 6.59
CA TYR A 142 9.21 -13.77 7.37
C TYR A 142 9.99 -14.05 8.66
N LYS A 143 9.93 -15.30 9.15
CA LYS A 143 10.65 -15.64 10.37
C LYS A 143 12.16 -15.67 10.16
N ASP A 144 12.62 -15.70 8.90
CA ASP A 144 14.04 -15.73 8.59
C ASP A 144 14.65 -14.33 8.45
N VAL A 145 13.96 -13.30 8.93
CA VAL A 145 14.49 -11.95 8.96
C VAL A 145 15.00 -11.69 10.37
N LYS A 146 16.32 -11.64 10.51
CA LYS A 146 16.96 -11.46 11.82
C LYS A 146 17.26 -9.98 12.03
N MET A 147 16.77 -9.44 13.14
CA MET A 147 16.89 -8.03 13.45
C MET A 147 17.68 -7.85 14.73
N ASN A 148 18.58 -6.85 14.72
CA ASN A 148 19.39 -6.50 15.88
C ASN A 148 19.12 -5.05 16.22
N ASP A 149 18.45 -4.81 17.35
CA ASP A 149 18.07 -3.45 17.73
C ASP A 149 19.29 -2.60 18.05
N LYS A 150 20.27 -3.16 18.75
CA LYS A 150 21.43 -2.39 19.19
C LYS A 150 22.28 -1.95 18.00
N ASP A 151 22.58 -2.88 17.09
CA ASP A 151 23.38 -2.56 15.92
C ASP A 151 22.56 -1.92 14.80
N GLN A 152 21.24 -1.97 14.88
CA GLN A 152 20.36 -1.48 13.82
C GLN A 152 20.70 -2.16 12.49
N THR A 153 20.72 -3.48 12.51
CA THR A 153 21.03 -4.28 11.34
C THR A 153 19.87 -5.19 10.99
N VAL A 154 19.72 -5.48 9.70
CA VAL A 154 18.76 -6.44 9.20
C VAL A 154 19.54 -7.53 8.47
N TYR A 155 19.21 -8.78 8.75
CA TYR A 155 19.93 -9.91 8.16
C TYR A 155 18.93 -10.92 7.61
N LEU A 156 19.09 -11.26 6.34
CA LEU A 156 18.36 -12.36 5.73
C LEU A 156 19.19 -13.63 5.88
N GLU A 157 18.67 -14.58 6.67
CA GLU A 157 19.45 -15.74 7.09
C GLU A 157 19.80 -16.69 5.95
N LYS A 158 19.02 -16.70 4.87
CA LYS A 158 19.20 -17.69 3.81
C LYS A 158 19.61 -17.00 2.51
N GLU A 159 20.48 -17.68 1.76
CA GLU A 159 20.90 -17.17 0.46
C GLU A 159 19.73 -17.15 -0.51
N GLY A 160 19.64 -16.08 -1.30
CA GLY A 160 18.58 -15.92 -2.27
C GLY A 160 17.34 -15.22 -1.79
N MET A 161 17.22 -14.95 -0.48
CA MET A 161 16.06 -14.25 0.03
C MET A 161 16.06 -12.79 -0.43
N GLU A 162 14.87 -12.21 -0.52
CA GLU A 162 14.72 -10.83 -0.96
C GLU A 162 13.54 -10.20 -0.22
N LEU A 163 13.72 -8.97 0.22
CA LEU A 163 12.62 -8.20 0.81
C LEU A 163 11.87 -7.45 -0.27
N ASP A 164 10.56 -7.32 -0.07
CA ASP A 164 9.70 -6.50 -0.92
C ASP A 164 8.72 -5.77 -0.01
N LEU A 165 8.96 -4.47 0.18
CA LEU A 165 8.14 -3.65 1.07
C LEU A 165 7.07 -2.86 0.32
N GLY A 166 6.76 -3.24 -0.92
CA GLY A 166 5.89 -2.42 -1.75
C GLY A 166 4.47 -2.33 -1.23
N ALA A 167 4.03 -3.30 -0.42
CA ALA A 167 2.67 -3.31 0.07
C ALA A 167 2.46 -2.43 1.30
N ILE A 168 3.51 -1.87 1.87
CA ILE A 168 3.40 -1.08 3.09
C ILE A 168 4.16 0.23 2.96
N ALA A 169 4.98 0.34 1.91
CA ALA A 169 5.89 1.49 1.80
C ALA A 169 5.13 2.79 1.58
N LYS A 170 4.12 2.78 0.73
CA LYS A 170 3.38 4.01 0.45
C LYS A 170 2.64 4.51 1.68
N GLY A 171 2.10 3.59 2.49
CA GLY A 171 1.45 3.99 3.72
C GLY A 171 2.43 4.61 4.72
N PHE A 172 3.61 4.02 4.84
CA PHE A 172 4.64 4.59 5.70
C PHE A 172 5.07 5.97 5.20
N ILE A 173 5.28 6.10 3.90
CA ILE A 173 5.69 7.39 3.34
C ILE A 173 4.59 8.42 3.50
N THR A 174 3.33 8.01 3.35
CA THR A 174 2.22 8.93 3.56
C THR A 174 2.19 9.43 5.00
N ASP A 175 2.41 8.52 5.96
CA ASP A 175 2.44 8.92 7.37
C ASP A 175 3.61 9.87 7.63
N GLU A 176 4.77 9.59 7.03
CA GLU A 176 5.94 10.45 7.24
C GLU A 176 5.77 11.80 6.57
N THR A 177 5.05 11.85 5.45
CA THR A 177 4.77 13.13 4.81
C THR A 177 3.86 13.99 5.69
N LEU A 178 2.84 13.37 6.30
CA LEU A 178 1.99 14.07 7.24
C LEU A 178 2.78 14.58 8.43
N LYS A 179 3.77 13.79 8.87
CA LYS A 179 4.63 14.22 9.98
C LYS A 179 5.38 15.49 9.62
N VAL A 180 5.88 15.57 8.38
CA VAL A 180 6.54 16.79 7.93
C VAL A 180 5.56 17.95 7.88
N PHE A 181 4.33 17.68 7.44
CA PHE A 181 3.30 18.72 7.42
C PHE A 181 3.00 19.23 8.82
N LYS A 182 2.79 18.32 9.77
CA LYS A 182 2.46 18.72 11.13
C LYS A 182 3.62 19.44 11.79
N GLU A 183 4.85 19.02 11.50
CA GLU A 183 6.02 19.70 12.04
C GLU A 183 6.16 21.12 11.51
N ASN A 184 5.55 21.43 10.36
CA ASN A 184 5.53 22.76 9.80
C ASN A 184 4.23 23.50 10.09
N LYS A 185 3.43 23.00 11.03
CA LYS A 185 2.17 23.62 11.46
C LYS A 185 1.16 23.71 10.32
N VAL A 186 1.15 22.71 9.44
CA VAL A 186 0.10 22.60 8.44
C VAL A 186 -1.10 21.91 9.08
N THR A 187 -2.29 22.48 8.85
CA THR A 187 -3.50 21.95 9.45
C THR A 187 -4.49 21.36 8.45
N THR A 188 -4.43 21.77 7.19
CA THR A 188 -5.41 21.36 6.19
C THR A 188 -4.68 20.97 4.92
N SER A 189 -4.67 19.68 4.60
CA SER A 189 -3.89 19.20 3.47
C SER A 189 -4.53 17.95 2.89
N ILE A 190 -4.06 17.57 1.70
CA ILE A 190 -4.43 16.31 1.05
C ILE A 190 -3.17 15.69 0.49
N ILE A 191 -2.85 14.48 0.94
CA ILE A 191 -1.68 13.75 0.49
C ILE A 191 -2.16 12.60 -0.38
N ASP A 192 -1.77 12.61 -1.66
CA ASP A 192 -2.24 11.63 -2.64
C ASP A 192 -1.02 10.98 -3.28
N LEU A 193 -0.72 9.75 -2.86
CA LEU A 193 0.36 8.97 -3.44
C LEU A 193 -0.13 7.96 -4.48
N GLY A 194 -1.37 8.10 -4.95
CA GLY A 194 -1.92 7.15 -5.90
C GLY A 194 -2.24 5.81 -5.24
N GLY A 195 -3.49 5.61 -4.85
CA GLY A 195 -3.88 4.46 -4.07
C GLY A 195 -3.69 4.63 -2.58
N ASN A 196 -2.97 5.66 -2.14
CA ASN A 196 -2.82 6.00 -0.74
C ASN A 196 -3.17 7.47 -0.59
N ILE A 197 -4.25 7.75 0.14
CA ILE A 197 -4.75 9.11 0.33
C ILE A 197 -4.88 9.38 1.82
N TYR A 198 -4.39 10.55 2.25
CA TYR A 198 -4.67 11.06 3.58
C TYR A 198 -5.26 12.45 3.45
N VAL A 199 -6.38 12.66 4.11
CA VAL A 199 -7.06 13.97 4.15
C VAL A 199 -6.89 14.53 5.56
N GLN A 200 -6.26 15.69 5.66
CA GLN A 200 -5.99 16.33 6.94
C GLN A 200 -6.96 17.49 7.15
N GLY A 201 -7.52 17.57 8.35
CA GLY A 201 -8.48 18.62 8.65
C GLY A 201 -9.76 18.43 7.85
N ASN A 202 -10.41 19.55 7.55
CA ASN A 202 -11.64 19.56 6.78
C ASN A 202 -11.48 20.44 5.56
N ASN A 203 -12.45 20.35 4.65
CA ASN A 203 -12.54 21.31 3.56
C ASN A 203 -12.61 22.72 4.13
N PRO A 204 -11.93 23.69 3.52
CA PRO A 204 -12.02 25.08 3.99
C PRO A 204 -13.46 25.59 4.14
N ASN A 205 -14.41 24.98 3.42
CA ASN A 205 -15.81 25.39 3.55
C ASN A 205 -16.48 24.82 4.80
N GLY A 206 -15.77 24.00 5.59
CA GLY A 206 -16.29 23.46 6.82
C GLY A 206 -16.76 22.02 6.74
N ASN A 207 -17.06 21.53 5.55
CA ASN A 207 -17.49 20.15 5.40
C ASN A 207 -16.31 19.19 5.52
N LYS A 208 -16.61 17.93 5.82
CA LYS A 208 -15.61 16.88 5.74
C LYS A 208 -15.16 16.71 4.29
N TRP A 209 -13.93 16.22 4.12
CA TRP A 209 -13.45 15.91 2.79
C TRP A 209 -14.25 14.75 2.21
N ASN A 210 -14.71 14.89 0.98
CA ASN A 210 -15.43 13.84 0.28
C ASN A 210 -14.42 13.00 -0.49
N VAL A 211 -14.04 11.87 0.10
CA VAL A 211 -13.01 11.01 -0.47
C VAL A 211 -13.66 10.04 -1.46
N GLY A 212 -13.15 10.02 -2.69
CA GLY A 212 -13.68 9.12 -3.70
C GLY A 212 -13.18 7.70 -3.49
N ILE A 213 -14.10 6.75 -3.60
CA ILE A 213 -13.78 5.33 -3.48
C ILE A 213 -13.53 4.77 -4.87
N GLN A 214 -12.32 4.26 -5.08
CA GLN A 214 -11.86 3.89 -6.42
C GLN A 214 -12.76 2.84 -7.05
N ASP A 215 -13.08 3.04 -8.33
CA ASP A 215 -13.74 2.04 -9.16
C ASP A 215 -12.70 1.03 -9.61
N PRO A 216 -12.73 -0.20 -9.09
CA PRO A 216 -11.71 -1.19 -9.45
C PRO A 216 -11.76 -1.62 -10.90
N PHE A 217 -12.82 -1.29 -11.63
CA PHE A 217 -12.97 -1.66 -13.04
C PHE A 217 -12.61 -0.52 -13.98
N SER A 218 -12.16 0.61 -13.46
CA SER A 218 -11.84 1.80 -14.23
C SER A 218 -10.48 2.33 -13.80
N PRO A 219 -9.83 3.17 -14.62
CA PRO A 219 -8.51 3.69 -14.25
C PRO A 219 -8.55 4.49 -12.95
N ARG A 220 -7.36 4.71 -12.40
CA ARG A 220 -7.23 5.45 -11.14
C ARG A 220 -7.82 6.84 -11.29
N GLY A 221 -8.66 7.22 -10.33
CA GLY A 221 -9.36 8.49 -10.39
C GLY A 221 -10.85 8.32 -10.51
N SER A 222 -11.27 7.33 -11.29
CA SER A 222 -12.70 7.02 -11.40
C SER A 222 -13.19 6.38 -10.11
N VAL A 223 -14.38 6.78 -9.69
CA VAL A 223 -14.93 6.37 -8.39
C VAL A 223 -16.31 5.79 -8.57
N ILE A 224 -16.74 5.02 -7.58
CA ILE A 224 -18.11 4.54 -7.48
C ILE A 224 -18.92 5.27 -6.44
N GLY A 225 -18.30 6.11 -5.62
CA GLY A 225 -19.01 6.83 -4.59
C GLY A 225 -18.06 7.66 -3.76
N LYS A 226 -18.61 8.27 -2.71
CA LYS A 226 -17.88 9.18 -1.85
C LYS A 226 -17.99 8.74 -0.40
N LEU A 227 -16.93 9.00 0.36
CA LEU A 227 -16.90 8.74 1.80
C LEU A 227 -16.42 9.99 2.52
N PRO A 228 -17.28 10.68 3.26
CA PRO A 228 -16.83 11.87 4.00
C PRO A 228 -15.88 11.47 5.14
N GLU A 229 -14.71 12.11 5.17
CA GLU A 229 -13.71 11.77 6.17
C GLU A 229 -12.95 13.03 6.57
N SER A 230 -12.33 12.97 7.74
CA SER A 230 -11.48 14.04 8.25
C SER A 230 -10.38 13.42 9.10
N ASN A 231 -9.14 13.80 8.84
CA ASN A 231 -7.97 13.27 9.55
C ASN A 231 -7.95 11.75 9.49
N MET A 232 -7.92 11.23 8.26
CA MET A 232 -8.05 9.80 8.03
C MET A 232 -7.29 9.41 6.77
N SER A 233 -6.81 8.17 6.77
CA SER A 233 -6.18 7.58 5.60
C SER A 233 -7.14 6.63 4.92
N ILE A 234 -7.10 6.61 3.59
CA ILE A 234 -7.88 5.68 2.78
C ILE A 234 -6.93 5.05 1.76
N VAL A 235 -6.71 3.75 1.88
CA VAL A 235 -5.79 3.01 1.01
C VAL A 235 -6.60 2.03 0.17
N THR A 236 -6.20 1.88 -1.08
CA THR A 236 -6.95 1.11 -2.05
C THR A 236 -6.08 0.01 -2.66
N SER A 237 -6.67 -1.18 -2.82
CA SER A 237 -6.04 -2.29 -3.52
C SER A 237 -7.04 -2.87 -4.51
N GLY A 238 -6.53 -3.43 -5.61
CA GLY A 238 -7.39 -3.96 -6.65
C GLY A 238 -6.62 -4.90 -7.57
N ILE A 239 -7.38 -5.57 -8.45
CA ILE A 239 -6.81 -6.58 -9.35
C ILE A 239 -6.62 -6.09 -10.77
N TYR A 240 -7.23 -4.98 -11.16
CA TYR A 240 -7.22 -4.54 -12.55
C TYR A 240 -6.31 -3.36 -12.80
N GLU A 241 -5.57 -2.89 -11.80
CA GLU A 241 -4.64 -1.78 -11.99
CA GLU A 241 -4.64 -1.78 -11.98
C GLU A 241 -3.25 -2.26 -12.42
N ARG A 242 -2.72 -3.28 -11.76
CA ARG A 242 -1.41 -3.84 -12.08
C ARG A 242 -1.59 -5.34 -12.30
N TYR A 243 -1.56 -5.75 -13.56
CA TYR A 243 -1.76 -7.15 -13.91
C TYR A 243 -1.01 -7.47 -15.19
N LEU A 244 -0.85 -8.76 -15.46
CA LEU A 244 -0.21 -9.26 -16.67
C LEU A 244 -1.18 -10.20 -17.38
N GLU A 245 -1.35 -9.99 -18.67
CA GLU A 245 -2.26 -10.80 -19.49
C GLU A 245 -1.44 -11.63 -20.47
N VAL A 246 -1.51 -12.95 -20.33
CA VAL A 246 -0.82 -13.87 -21.22
C VAL A 246 -1.79 -14.96 -21.65
N ASP A 247 -1.94 -15.13 -22.97
CA ASP A 247 -2.67 -16.25 -23.55
C ASP A 247 -4.09 -16.37 -22.98
N GLY A 248 -4.75 -15.22 -22.83
CA GLY A 248 -6.12 -15.19 -22.41
C GLY A 248 -6.34 -15.01 -20.91
N LYS A 249 -5.35 -15.33 -20.09
CA LYS A 249 -5.49 -15.23 -18.64
C LYS A 249 -4.79 -13.97 -18.12
N THR A 250 -5.29 -13.46 -17.00
CA THR A 250 -4.71 -12.30 -16.34
C THR A 250 -4.20 -12.69 -14.97
N TYR A 251 -3.11 -12.04 -14.55
CA TYR A 251 -2.46 -12.32 -13.27
C TYR A 251 -2.17 -10.99 -12.59
N HIS A 252 -2.87 -10.72 -11.48
CA HIS A 252 -2.67 -9.48 -10.77
C HIS A 252 -1.50 -9.59 -9.79
N HIS A 253 -1.11 -8.45 -9.23
CA HIS A 253 0.16 -8.32 -8.53
C HIS A 253 0.13 -8.77 -7.07
N ILE A 254 -1.02 -9.19 -6.55
CA ILE A 254 -1.11 -9.68 -5.17
C ILE A 254 -0.92 -11.20 -5.21
N LEU A 255 0.25 -11.68 -4.81
CA LEU A 255 0.64 -13.06 -5.01
C LEU A 255 0.53 -13.86 -3.71
N ASP A 256 0.18 -15.14 -3.85
CA ASP A 256 0.08 -16.06 -2.73
C ASP A 256 1.45 -16.69 -2.47
N PRO A 257 2.08 -16.43 -1.32
CA PRO A 257 3.40 -17.02 -1.07
C PRO A 257 3.40 -18.53 -0.97
N LYS A 258 2.24 -19.16 -0.78
CA LYS A 258 2.17 -20.61 -0.68
C LYS A 258 2.06 -21.28 -2.04
N THR A 259 1.61 -20.58 -3.07
CA THR A 259 1.43 -21.16 -4.39
C THR A 259 2.29 -20.52 -5.48
N GLY A 260 2.67 -19.25 -5.32
CA GLY A 260 3.39 -18.55 -6.36
C GLY A 260 2.50 -17.90 -7.40
N TYR A 261 1.18 -17.97 -7.24
CA TYR A 261 0.22 -17.41 -8.17
C TYR A 261 -0.65 -16.39 -7.44
N PRO A 262 -1.34 -15.51 -8.18
CA PRO A 262 -2.14 -14.47 -7.50
C PRO A 262 -3.25 -15.05 -6.65
N PHE A 263 -3.61 -14.33 -5.59
CA PHE A 263 -4.83 -14.61 -4.86
C PHE A 263 -6.03 -14.36 -5.75
N ASP A 264 -6.80 -15.40 -6.02
CA ASP A 264 -7.99 -15.29 -6.86
C ASP A 264 -9.22 -15.68 -6.05
N ASN A 265 -10.04 -14.67 -5.73
CA ASN A 265 -11.30 -14.88 -5.03
C ASN A 265 -12.35 -13.94 -5.59
N ASP A 266 -13.28 -13.48 -4.75
CA ASP A 266 -14.38 -12.65 -5.21
C ASP A 266 -14.11 -11.15 -5.04
N ILE A 267 -12.93 -10.76 -4.57
CA ILE A 267 -12.62 -9.35 -4.39
C ILE A 267 -12.14 -8.77 -5.71
N ALA A 268 -12.77 -7.67 -6.13
CA ALA A 268 -12.24 -6.86 -7.21
C ALA A 268 -11.41 -5.70 -6.68
N GLY A 269 -11.87 -5.08 -5.60
CA GLY A 269 -11.12 -4.02 -4.96
C GLY A 269 -11.57 -3.84 -3.52
N VAL A 270 -10.72 -3.20 -2.74
CA VAL A 270 -11.03 -2.91 -1.34
C VAL A 270 -10.35 -1.61 -0.95
N SER A 271 -11.08 -0.78 -0.21
CA SER A 271 -10.56 0.47 0.34
C SER A 271 -10.61 0.38 1.85
N ILE A 272 -9.47 0.60 2.50
CA ILE A 272 -9.33 0.43 3.94
C ILE A 272 -9.18 1.79 4.59
N VAL A 273 -9.99 2.06 5.61
CA VAL A 273 -10.05 3.36 6.27
C VAL A 273 -9.41 3.20 7.65
N SER A 274 -8.41 4.04 7.95
CA SER A 274 -7.68 3.94 9.20
C SER A 274 -7.09 5.29 9.56
N LYS A 275 -6.69 5.42 10.83
CA LYS A 275 -6.05 6.65 11.28
C LYS A 275 -4.65 6.79 10.70
N LYS A 276 -3.90 5.69 10.62
CA LYS A 276 -2.56 5.68 10.09
C LYS A 276 -2.52 4.96 8.75
N SER A 277 -1.80 5.53 7.79
CA SER A 277 -1.79 4.98 6.44
C SER A 277 -1.02 3.66 6.37
N ILE A 278 0.00 3.49 7.22
CA ILE A 278 0.76 2.25 7.18
C ILE A 278 -0.11 1.08 7.66
N ASP A 279 -1.08 1.35 8.52
CA ASP A 279 -1.95 0.28 9.01
C ASP A 279 -2.91 -0.18 7.91
N GLY A 280 -3.58 0.77 7.25
CA GLY A 280 -4.45 0.40 6.14
C GLY A 280 -3.68 -0.22 4.99
N ASP A 281 -2.48 0.28 4.72
CA ASP A 281 -1.64 -0.31 3.68
C ASP A 281 -1.22 -1.71 4.05
N GLY A 282 -0.80 -1.92 5.31
CA GLY A 282 -0.28 -3.20 5.72
C GLY A 282 -1.34 -4.27 5.87
N LEU A 283 -2.58 -3.88 6.17
CA LEU A 283 -3.65 -4.84 6.35
C LEU A 283 -4.28 -5.30 5.04
N SER A 284 -3.88 -4.71 3.91
CA SER A 284 -4.59 -4.95 2.66
C SER A 284 -4.34 -6.37 2.14
N THR A 285 -3.10 -6.84 2.21
CA THR A 285 -2.76 -8.13 1.60
C THR A 285 -3.46 -9.27 2.33
N ALA A 286 -3.37 -9.30 3.66
CA ALA A 286 -4.07 -10.34 4.42
C ALA A 286 -5.57 -10.24 4.22
N THR A 287 -6.11 -9.02 4.21
CA THR A 287 -7.52 -8.83 3.91
C THR A 287 -7.88 -9.35 2.54
N PHE A 288 -7.00 -9.13 1.56
CA PHE A 288 -7.27 -9.55 0.20
C PHE A 288 -7.26 -11.06 0.07
N SER A 289 -6.38 -11.74 0.81
CA SER A 289 -6.23 -13.18 0.70
C SER A 289 -7.45 -13.95 1.21
N LYS A 290 -8.33 -13.30 1.96
CA LYS A 290 -9.42 -13.98 2.64
C LYS A 290 -10.75 -13.85 1.92
N GLY A 291 -10.80 -13.16 0.78
CA GLY A 291 -12.05 -12.97 0.08
C GLY A 291 -12.92 -11.93 0.75
N ILE A 292 -14.12 -11.75 0.19
CA ILE A 292 -15.03 -10.70 0.68
C ILE A 292 -15.44 -10.99 2.12
N LYS A 293 -16.13 -12.11 2.34
CA LYS A 293 -16.66 -12.38 3.67
C LYS A 293 -15.55 -12.62 4.69
N GLY A 294 -14.51 -13.38 4.31
CA GLY A 294 -13.39 -13.57 5.21
C GLY A 294 -12.60 -12.31 5.47
N GLY A 295 -12.46 -11.45 4.46
CA GLY A 295 -11.74 -10.20 4.66
C GLY A 295 -12.51 -9.23 5.54
N MET A 296 -13.83 -9.21 5.41
CA MET A 296 -14.65 -8.37 6.28
C MET A 296 -14.52 -8.80 7.74
N ASP A 297 -14.54 -10.12 7.99
CA ASP A 297 -14.36 -10.62 9.34
C ASP A 297 -12.97 -10.24 9.88
N TYR A 298 -11.96 -10.26 9.02
CA TYR A 298 -10.62 -9.87 9.44
C TYR A 298 -10.56 -8.41 9.86
N ILE A 299 -11.22 -7.53 9.09
CA ILE A 299 -11.21 -6.10 9.41
C ILE A 299 -11.97 -5.83 10.70
N GLU A 300 -13.03 -6.59 10.97
CA GLU A 300 -13.83 -6.38 12.18
C GLU A 300 -13.04 -6.67 13.46
N GLN A 301 -11.89 -7.32 13.36
CA GLN A 301 -11.06 -7.60 14.54
C GLN A 301 -10.14 -6.46 14.89
N PHE A 302 -10.03 -5.43 14.05
CA PHE A 302 -9.16 -4.29 14.28
C PHE A 302 -10.01 -3.08 14.60
N GLU A 303 -9.98 -2.65 15.86
CA GLU A 303 -10.71 -1.45 16.26
C GLU A 303 -10.09 -0.22 15.60
N GLY A 304 -10.95 0.67 15.10
CA GLY A 304 -10.48 1.86 14.41
C GLY A 304 -10.14 1.66 12.96
N VAL A 305 -10.35 0.47 12.42
CA VAL A 305 -10.08 0.16 11.01
C VAL A 305 -11.37 -0.38 10.40
N ASP A 306 -11.73 0.14 9.23
CA ASP A 306 -12.91 -0.31 8.51
C ASP A 306 -12.58 -0.35 7.03
N ALA A 307 -13.50 -0.92 6.24
CA ALA A 307 -13.20 -1.16 4.83
C ALA A 307 -14.48 -1.17 4.01
N ILE A 308 -14.31 -0.83 2.73
CA ILE A 308 -15.36 -0.96 1.73
C ILE A 308 -14.89 -1.98 0.70
N PHE A 309 -15.63 -3.08 0.57
CA PHE A 309 -15.28 -4.15 -0.37
C PHE A 309 -16.13 -4.05 -1.62
N ILE A 310 -15.53 -4.36 -2.77
CA ILE A 310 -16.21 -4.38 -4.05
C ILE A 310 -15.97 -5.72 -4.69
N SER A 311 -17.05 -6.45 -4.96
CA SER A 311 -16.95 -7.80 -5.50
C SER A 311 -16.70 -7.76 -7.01
N LYS A 312 -16.35 -8.93 -7.56
CA LYS A 312 -16.28 -9.07 -9.02
C LYS A 312 -17.66 -8.98 -9.65
N GLU A 313 -18.72 -9.15 -8.87
CA GLU A 313 -20.09 -8.96 -9.33
C GLU A 313 -20.60 -7.55 -9.08
N LYS A 314 -19.71 -6.61 -8.79
CA LYS A 314 -20.05 -5.20 -8.57
C LYS A 314 -21.00 -5.02 -7.39
N LYS A 315 -20.83 -5.83 -6.35
CA LYS A 315 -21.55 -5.65 -5.08
C LYS A 315 -20.62 -4.96 -4.09
N VAL A 316 -21.19 -4.03 -3.32
CA VAL A 316 -20.41 -3.18 -2.43
C VAL A 316 -20.82 -3.47 -1.00
N TYR A 317 -19.82 -3.69 -0.13
CA TYR A 317 -20.05 -4.07 1.25
C TYR A 317 -19.30 -3.11 2.18
N GLU A 318 -19.94 -2.77 3.29
CA GLU A 318 -19.35 -1.95 4.33
C GLU A 318 -19.14 -2.77 5.59
N THR A 319 -18.01 -2.56 6.26
CA THR A 319 -17.80 -3.13 7.57
C THR A 319 -18.64 -2.37 8.60
N SER A 320 -18.59 -2.83 9.85
CA SER A 320 -19.51 -2.33 10.87
C SER A 320 -19.33 -0.83 11.13
N GLY A 321 -18.08 -0.38 11.22
CA GLY A 321 -17.82 1.02 11.54
C GLY A 321 -18.13 2.00 10.43
N LEU A 322 -18.48 1.51 9.24
CA LEU A 322 -18.77 2.37 8.10
C LEU A 322 -20.22 2.26 7.64
N LYS A 323 -21.09 1.58 8.40
CA LYS A 323 -22.45 1.35 7.97
C LYS A 323 -23.19 2.67 7.75
N GLY A 324 -23.74 2.83 6.54
CA GLY A 324 -24.52 4.01 6.20
C GLY A 324 -23.72 5.25 5.88
N GLN A 325 -22.39 5.18 5.90
CA GLN A 325 -21.57 6.36 5.62
C GLN A 325 -21.21 6.50 4.14
N PHE A 326 -21.03 5.39 3.44
CA PHE A 326 -20.62 5.45 2.04
C PHE A 326 -21.79 5.87 1.16
N GLU A 327 -21.54 6.82 0.27
CA GLU A 327 -22.55 7.36 -0.64
C GLU A 327 -22.30 6.78 -2.03
N LEU A 328 -23.04 5.71 -2.37
CA LEU A 328 -22.89 5.08 -3.67
C LEU A 328 -23.52 5.94 -4.76
N THR A 329 -22.80 6.09 -5.87
CA THR A 329 -23.28 6.95 -6.96
C THR A 329 -23.30 6.20 -8.30
N ASP A 330 -22.40 5.24 -8.48
CA ASP A 330 -22.36 4.48 -9.73
C ASP A 330 -23.49 3.46 -9.74
N LYS A 331 -24.42 3.62 -10.69
CA LYS A 331 -25.56 2.73 -10.79
C LYS A 331 -25.19 1.33 -11.29
N ASP A 332 -23.99 1.15 -11.84
CA ASP A 332 -23.52 -0.18 -12.20
C ASP A 332 -23.23 -1.05 -10.98
N PHE A 333 -23.22 -0.47 -9.79
CA PHE A 333 -22.90 -1.18 -8.56
C PHE A 333 -24.08 -1.16 -7.62
N GLN A 334 -24.14 -2.15 -6.73
CA GLN A 334 -25.25 -2.30 -5.80
C GLN A 334 -24.71 -2.51 -4.39
N MET A 335 -25.33 -1.84 -3.43
CA MET A 335 -25.02 -2.12 -2.02
C MET A 335 -25.56 -3.49 -1.63
N ASP A 336 -24.78 -4.20 -0.83
CA ASP A 336 -25.16 -5.54 -0.41
C ASP A 336 -24.69 -5.76 1.02
N THR A 337 -25.36 -6.70 1.70
CA THR A 337 -25.06 -7.04 3.08
C THR A 337 -24.71 -8.52 3.19
N LEU A 338 -24.14 -8.89 4.32
CA LEU A 338 -23.76 -10.27 4.57
C LEU A 338 -24.88 -11.05 5.23
#